data_7YJ5
#
_entry.id   7YJ5
#
_cell.length_a   64.981
_cell.length_b   72.632
_cell.length_c   82.691
_cell.angle_alpha   90.000
_cell.angle_beta   90.000
_cell.angle_gamma   90.000
#
_symmetry.space_group_name_H-M   'P 2 21 21'
#
loop_
_entity.id
_entity.type
_entity.pdbx_description
1 polymer 'Stenoloma chusanum chalcone synthase 1 (ScCHS1)'
2 non-polymer 'trimethylamine oxide'
3 water water
#
_entity_poly.entity_id   1
_entity_poly.type   'polypeptide(L)'
_entity_poly.pdbx_seq_one_letter_code
;MASATIPAPAPRKMERAEGPASVLAIGTAVPPNVVYQKDYPDFYFGVTNSNHKTELKDKFQRMCDKSCVSKRHLYLTEEI
LKANPSLCAYWEPSLDLRQDIVVVEVPKLGKQAASAAIKEWGQPKSKITHLIFCTTSGVDMPGADWALAKLLGLRSSVKR
LVLYMQGCYGGGTVLRIAKDLAENNKGARVLVVCSEITAITFRGPSDTHLDSLVGQALFGDGASALIVGSDPVPAVERAW
FELHWTGSDILPNSDGAIDGHLKEVGLTFHLMKDVPAIISKNIGGILKDALAKVFPAAHDQLDSSGTTAAAPPPPTYNDL
FWITHPGGPAILDQVEDRLGLRKDKLASTRAVLDQFGNMSSATVLFIMDEMRKRSVEQQLGTTGEGHEWGLLLGFGPGLT
CETVVLRSVPLV
;
_entity_poly.pdbx_strand_id   A
#
loop_
_chem_comp.id
_chem_comp.type
_chem_comp.name
_chem_comp.formula
TMO non-polymer 'trimethylamine oxide' 'C3 H9 N O'
#
# COMPACT_ATOMS: atom_id res chain seq x y z
N ARG A 12 30.29 19.63 4.46
CA ARG A 12 28.86 19.36 4.41
C ARG A 12 28.16 20.08 5.57
N LYS A 13 27.38 21.13 5.24
CA LYS A 13 26.69 21.92 6.26
C LYS A 13 25.59 21.13 6.96
N MET A 14 25.02 20.10 6.32
CA MET A 14 24.12 19.15 6.95
C MET A 14 24.81 17.78 6.89
N GLU A 15 25.24 17.27 8.05
CA GLU A 15 25.96 15.99 8.05
C GLU A 15 25.04 14.88 7.54
N ARG A 16 25.62 13.94 6.82
CA ARG A 16 24.85 12.81 6.29
C ARG A 16 25.01 11.61 7.22
N ALA A 17 24.14 10.62 7.03
CA ALA A 17 24.22 9.37 7.79
C ALA A 17 25.14 8.37 7.08
N GLU A 18 25.39 7.23 7.73
CA GLU A 18 26.33 6.26 7.16
C GLU A 18 25.68 4.97 6.70
N GLY A 19 24.89 4.32 7.55
CA GLY A 19 24.33 3.01 7.24
C GLY A 19 23.06 3.09 6.41
N PRO A 20 22.56 1.92 6.00
CA PRO A 20 21.38 1.89 5.13
C PRO A 20 20.11 2.31 5.88
N ALA A 21 19.24 3.02 5.15
CA ALA A 21 17.94 3.37 5.70
C ALA A 21 17.22 2.10 6.17
N SER A 22 16.69 2.15 7.39
CA SER A 22 16.15 0.93 8.02
C SER A 22 14.76 1.20 8.56
N VAL A 23 13.89 0.21 8.45
CA VAL A 23 12.56 0.28 9.07
C VAL A 23 12.72 -0.07 10.54
N LEU A 24 12.43 0.90 11.43
CA LEU A 24 12.60 0.75 12.87
C LEU A 24 11.31 0.43 13.60
N ALA A 25 10.16 0.55 12.94
CA ALA A 25 8.87 0.25 13.56
C ALA A 25 7.82 0.28 12.46
N ILE A 26 6.74 -0.44 12.68
CA ILE A 26 5.61 -0.47 11.75
C ILE A 26 4.32 -0.49 12.57
N GLY A 27 3.41 0.42 12.24
CA GLY A 27 2.06 0.39 12.79
C GLY A 27 1.03 0.32 11.69
N THR A 28 -0.13 -0.27 12.00
CA THR A 28 -1.23 -0.29 11.05
C THR A 28 -2.53 0.06 11.76
N ALA A 29 -3.51 0.47 10.97
CA ALA A 29 -4.84 0.80 11.50
C ALA A 29 -5.87 0.57 10.40
N VAL A 30 -7.04 0.08 10.79
CA VAL A 30 -8.14 -0.05 9.85
C VAL A 30 -9.42 0.45 10.49
N PRO A 31 -10.38 0.87 9.67
CA PRO A 31 -11.69 1.23 10.22
C PRO A 31 -12.29 0.06 10.95
N PRO A 32 -13.08 0.31 11.99
CA PRO A 32 -13.62 -0.80 12.79
C PRO A 32 -14.64 -1.66 12.07
N ASN A 33 -15.40 -1.09 11.12
CA ASN A 33 -16.50 -1.78 10.48
C ASN A 33 -15.98 -2.78 9.45
N VAL A 34 -16.35 -4.05 9.60
CA VAL A 34 -15.91 -5.12 8.72
C VAL A 34 -17.07 -5.55 7.83
N VAL A 35 -16.79 -5.78 6.56
CA VAL A 35 -17.75 -6.39 5.64
C VAL A 35 -17.10 -7.65 5.11
N TYR A 36 -17.72 -8.80 5.38
CA TYR A 36 -17.23 -10.06 4.85
C TYR A 36 -17.61 -10.19 3.39
N GLN A 37 -16.68 -10.72 2.59
CA GLN A 37 -16.90 -10.78 1.15
C GLN A 37 -18.15 -11.59 0.81
N LYS A 38 -18.45 -12.63 1.60
CA LYS A 38 -19.66 -13.40 1.33
C LYS A 38 -20.92 -12.54 1.43
N ASP A 39 -20.86 -11.48 2.24
CA ASP A 39 -21.98 -10.55 2.42
C ASP A 39 -21.94 -9.34 1.49
N TYR A 40 -20.81 -9.11 0.80
CA TYR A 40 -20.64 -7.84 0.12
C TYR A 40 -21.59 -7.68 -1.05
N PRO A 41 -21.79 -8.68 -1.93
CA PRO A 41 -22.74 -8.48 -3.04
C PRO A 41 -24.12 -8.00 -2.58
N ASP A 42 -24.70 -8.64 -1.56
CA ASP A 42 -26.00 -8.18 -1.06
C ASP A 42 -25.91 -6.79 -0.46
N PHE A 43 -24.86 -6.52 0.32
CA PHE A 43 -24.70 -5.21 0.94
C PHE A 43 -24.57 -4.11 -0.10
N TYR A 44 -23.67 -4.32 -1.08
CA TYR A 44 -23.40 -3.30 -2.09
C TYR A 44 -24.63 -3.05 -2.95
N PHE A 45 -25.18 -4.10 -3.57
CA PHE A 45 -26.32 -3.91 -4.46
C PHE A 45 -27.57 -3.49 -3.70
N GLY A 46 -27.67 -3.85 -2.41
CA GLY A 46 -28.79 -3.39 -1.62
C GLY A 46 -28.69 -1.90 -1.29
N VAL A 47 -27.52 -1.47 -0.80
CA VAL A 47 -27.40 -0.09 -0.37
C VAL A 47 -27.40 0.88 -1.55
N THR A 48 -27.16 0.40 -2.77
CA THR A 48 -27.21 1.24 -3.96
C THR A 48 -28.49 1.05 -4.77
N ASN A 49 -29.51 0.43 -4.20
CA ASN A 49 -30.81 0.28 -4.87
C ASN A 49 -30.65 -0.34 -6.26
N SER A 50 -29.90 -1.45 -6.32
CA SER A 50 -29.54 -2.04 -7.60
C SER A 50 -29.83 -3.54 -7.66
N ASN A 51 -30.66 -4.06 -6.75
CA ASN A 51 -30.97 -5.48 -6.77
C ASN A 51 -31.72 -5.90 -8.03
N HIS A 52 -32.38 -4.97 -8.72
CA HIS A 52 -33.08 -5.31 -9.95
C HIS A 52 -32.12 -5.61 -11.10
N LYS A 53 -30.90 -5.07 -11.05
CA LYS A 53 -29.87 -5.33 -12.07
C LYS A 53 -29.33 -6.75 -11.89
N THR A 54 -30.18 -7.73 -12.25
CA THR A 54 -29.90 -9.11 -11.90
C THR A 54 -28.67 -9.65 -12.62
N GLU A 55 -28.52 -9.34 -13.91
CA GLU A 55 -27.35 -9.82 -14.64
C GLU A 55 -26.07 -9.17 -14.08
N LEU A 56 -26.12 -7.85 -13.86
CA LEU A 56 -24.95 -7.17 -13.31
C LEU A 56 -24.56 -7.74 -11.95
N LYS A 57 -25.56 -8.02 -11.09
CA LYS A 57 -25.26 -8.54 -9.77
C LYS A 57 -24.62 -9.93 -9.83
N ASP A 58 -25.01 -10.75 -10.81
CA ASP A 58 -24.37 -12.05 -10.93
C ASP A 58 -22.94 -11.94 -11.46
N LYS A 59 -22.70 -10.96 -12.34
CA LYS A 59 -21.32 -10.67 -12.72
C LYS A 59 -20.49 -10.28 -11.50
N PHE A 60 -21.04 -9.41 -10.66
CA PHE A 60 -20.29 -8.97 -9.49
C PHE A 60 -20.11 -10.11 -8.48
N GLN A 61 -21.12 -10.96 -8.34
CA GLN A 61 -20.98 -12.12 -7.46
C GLN A 61 -19.80 -12.99 -7.89
N ARG A 62 -19.67 -13.25 -9.20
CA ARG A 62 -18.55 -14.04 -9.68
C ARG A 62 -17.23 -13.33 -9.39
N MET A 63 -17.21 -12.00 -9.53
CA MET A 63 -15.98 -11.27 -9.23
C MET A 63 -15.59 -11.46 -7.77
N CYS A 64 -16.55 -11.35 -6.85
CA CYS A 64 -16.24 -11.54 -5.44
C CYS A 64 -15.82 -12.98 -5.16
N ASP A 65 -16.45 -13.94 -5.83
CA ASP A 65 -16.09 -15.35 -5.61
C ASP A 65 -14.64 -15.63 -5.99
N LYS A 66 -14.10 -14.92 -6.98
CA LYS A 66 -12.74 -15.15 -7.44
C LYS A 66 -11.74 -14.16 -6.87
N SER A 67 -12.17 -13.29 -5.96
CA SER A 67 -11.34 -12.16 -5.56
C SER A 67 -10.20 -12.55 -4.65
N CYS A 68 -10.31 -13.68 -3.95
CA CYS A 68 -9.34 -14.08 -2.93
C CYS A 68 -9.29 -13.06 -1.78
N VAL A 69 -10.42 -12.40 -1.54
CA VAL A 69 -10.62 -11.49 -0.41
C VAL A 69 -11.73 -12.07 0.45
N SER A 70 -11.44 -12.33 1.73
CA SER A 70 -12.44 -12.85 2.66
C SER A 70 -13.15 -11.74 3.42
N LYS A 71 -12.47 -10.62 3.68
CA LYS A 71 -13.10 -9.54 4.42
C LYS A 71 -12.33 -8.26 4.15
N ARG A 72 -12.97 -7.14 4.44
CA ARG A 72 -12.38 -5.82 4.27
C ARG A 72 -12.91 -4.91 5.36
N HIS A 73 -12.09 -3.92 5.73
CA HIS A 73 -12.50 -2.90 6.68
C HIS A 73 -12.85 -1.64 5.91
N LEU A 74 -14.03 -1.07 6.17
CA LEU A 74 -14.50 0.04 5.37
C LEU A 74 -15.01 1.15 6.26
N TYR A 75 -14.56 2.37 5.98
CA TYR A 75 -15.09 3.54 6.67
C TYR A 75 -16.58 3.69 6.41
N LEU A 76 -17.00 3.53 5.15
CA LEU A 76 -18.41 3.70 4.79
C LEU A 76 -19.24 2.57 5.38
N THR A 77 -20.22 2.93 6.20
CA THR A 77 -21.20 2.00 6.73
C THR A 77 -22.54 2.20 6.04
N GLU A 78 -23.44 1.24 6.23
CA GLU A 78 -24.80 1.41 5.71
C GLU A 78 -25.41 2.69 6.26
N GLU A 79 -25.17 2.99 7.53
CA GLU A 79 -25.73 4.19 8.14
C GLU A 79 -25.22 5.45 7.45
N ILE A 80 -23.90 5.51 7.20
CA ILE A 80 -23.34 6.68 6.53
C ILE A 80 -23.86 6.78 5.10
N LEU A 81 -23.91 5.65 4.38
CA LEU A 81 -24.41 5.68 3.02
C LEU A 81 -25.88 6.09 2.98
N LYS A 82 -26.70 5.58 3.91
CA LYS A 82 -28.10 5.98 3.95
C LYS A 82 -28.24 7.48 4.20
N ALA A 83 -27.30 8.08 4.94
CA ALA A 83 -27.34 9.50 5.23
C ALA A 83 -26.84 10.36 4.08
N ASN A 84 -26.15 9.78 3.11
CA ASN A 84 -25.54 10.52 2.00
C ASN A 84 -25.86 9.80 0.70
N PRO A 85 -27.10 9.93 0.21
CA PRO A 85 -27.50 9.14 -0.96
C PRO A 85 -26.73 9.45 -2.23
N SER A 86 -26.11 10.62 -2.36
CA SER A 86 -25.33 10.89 -3.57
C SER A 86 -24.16 9.92 -3.71
N LEU A 87 -23.70 9.33 -2.61
CA LEU A 87 -22.65 8.31 -2.68
C LEU A 87 -23.20 7.00 -3.23
N CYS A 88 -24.44 6.67 -2.88
CA CYS A 88 -25.05 5.44 -3.36
C CYS A 88 -25.52 5.55 -4.79
N ALA A 89 -25.73 6.76 -5.29
CA ALA A 89 -26.10 6.91 -6.68
C ALA A 89 -24.91 6.54 -7.57
N TYR A 90 -25.17 6.50 -8.87
CA TYR A 90 -24.12 6.34 -9.85
C TYR A 90 -23.97 7.64 -10.62
N TRP A 91 -22.75 8.14 -10.70
CA TRP A 91 -22.45 9.32 -11.50
C TRP A 91 -23.30 10.51 -11.08
N GLU A 92 -23.47 10.69 -9.77
CA GLU A 92 -24.01 11.95 -9.31
C GLU A 92 -22.89 12.85 -8.78
N PRO A 93 -22.99 14.15 -8.97
CA PRO A 93 -21.99 15.06 -8.38
C PRO A 93 -21.85 14.81 -6.88
N SER A 94 -20.61 14.58 -6.43
CA SER A 94 -20.41 14.16 -5.05
C SER A 94 -19.04 14.51 -4.49
N LEU A 95 -18.18 15.13 -5.29
CA LEU A 95 -16.79 15.33 -4.90
C LEU A 95 -16.69 16.13 -3.61
N ASP A 96 -17.44 17.22 -3.49
CA ASP A 96 -17.34 18.05 -2.29
C ASP A 96 -17.64 17.23 -1.05
N LEU A 97 -18.68 16.38 -1.12
CA LEU A 97 -19.04 15.54 0.00
C LEU A 97 -17.92 14.54 0.31
N ARG A 98 -17.37 13.92 -0.72
CA ARG A 98 -16.32 12.93 -0.52
C ARG A 98 -15.10 13.58 0.10
N GLN A 99 -14.71 14.75 -0.42
CA GLN A 99 -13.59 15.49 0.14
C GLN A 99 -13.81 15.84 1.60
N ASP A 100 -15.01 16.35 1.94
CA ASP A 100 -15.29 16.70 3.33
C ASP A 100 -15.06 15.50 4.25
N ILE A 101 -15.38 14.29 3.77
CA ILE A 101 -15.13 13.07 4.53
C ILE A 101 -13.63 12.77 4.60
N VAL A 102 -13.00 12.53 3.43
CA VAL A 102 -11.66 11.94 3.46
C VAL A 102 -10.59 12.94 3.88
N VAL A 103 -10.82 14.25 3.68
CA VAL A 103 -9.83 15.22 4.15
C VAL A 103 -9.68 15.14 5.67
N VAL A 104 -10.72 14.67 6.36
CA VAL A 104 -10.66 14.45 7.81
C VAL A 104 -10.26 13.02 8.14
N GLU A 105 -10.87 12.03 7.48
CA GLU A 105 -10.75 10.66 7.94
C GLU A 105 -9.42 10.02 7.52
N VAL A 106 -8.84 10.43 6.38
CA VAL A 106 -7.56 9.87 5.97
C VAL A 106 -6.45 10.22 6.97
N PRO A 107 -6.24 11.48 7.35
CA PRO A 107 -5.25 11.76 8.40
C PRO A 107 -5.59 11.11 9.74
N LYS A 108 -6.88 11.02 10.08
CA LYS A 108 -7.26 10.40 11.35
C LYS A 108 -6.85 8.93 11.40
N LEU A 109 -7.10 8.20 10.32
CA LEU A 109 -6.69 6.79 10.27
C LEU A 109 -5.17 6.70 10.26
N GLY A 110 -4.52 7.61 9.52
CA GLY A 110 -3.07 7.64 9.54
C GLY A 110 -2.51 7.93 10.92
N LYS A 111 -3.20 8.79 11.68
CA LYS A 111 -2.77 9.05 13.05
C LYS A 111 -2.78 7.77 13.90
N GLN A 112 -3.82 6.96 13.76
CA GLN A 112 -3.88 5.73 14.54
C GLN A 112 -2.69 4.82 14.21
N ALA A 113 -2.35 4.70 12.93
CA ALA A 113 -1.20 3.86 12.55
C ALA A 113 0.10 4.48 13.03
N ALA A 114 0.22 5.80 12.91
CA ALA A 114 1.46 6.47 13.31
C ALA A 114 1.70 6.35 14.80
N SER A 115 0.64 6.49 15.61
CA SER A 115 0.80 6.35 17.06
C SER A 115 1.28 4.95 17.42
N ALA A 116 0.76 3.93 16.74
CA ALA A 116 1.23 2.57 16.97
C ALA A 116 2.70 2.42 16.63
N ALA A 117 3.13 2.97 15.48
CA ALA A 117 4.53 2.87 15.11
C ALA A 117 5.42 3.60 16.11
N ILE A 118 5.01 4.80 16.53
CA ILE A 118 5.79 5.58 17.49
C ILE A 118 5.91 4.84 18.81
N LYS A 119 4.80 4.27 19.29
CA LYS A 119 4.85 3.51 20.54
C LYS A 119 5.83 2.34 20.46
N GLU A 120 5.82 1.61 19.35
CA GLU A 120 6.76 0.50 19.18
C GLU A 120 8.19 0.99 19.16
N TRP A 121 8.44 2.03 18.36
CA TRP A 121 9.76 2.65 18.25
C TRP A 121 10.32 3.00 19.62
N GLY A 122 9.52 3.67 20.43
CA GLY A 122 9.85 3.92 21.83
C GLY A 122 10.43 5.29 22.10
N GLN A 123 10.83 6.02 21.06
CA GLN A 123 11.37 7.35 21.23
C GLN A 123 10.27 8.38 21.31
N PRO A 124 10.55 9.53 21.93
CA PRO A 124 9.54 10.59 21.95
C PRO A 124 9.25 11.10 20.56
N LYS A 125 8.00 11.50 20.33
CA LYS A 125 7.57 11.87 18.99
C LYS A 125 8.34 13.08 18.45
N SER A 126 8.92 13.91 19.31
CA SER A 126 9.65 15.06 18.81
C SER A 126 10.97 14.67 18.16
N LYS A 127 11.37 13.39 18.22
CA LYS A 127 12.53 12.98 17.46
C LYS A 127 12.23 12.68 15.98
N ILE A 128 10.96 12.74 15.59
CA ILE A 128 10.64 12.65 14.17
C ILE A 128 11.03 13.96 13.50
N THR A 129 11.91 13.87 12.50
CA THR A 129 12.44 15.04 11.79
C THR A 129 11.78 15.27 10.45
N HIS A 130 11.23 14.21 9.83
CA HIS A 130 10.64 14.25 8.51
C HIS A 130 9.34 13.45 8.51
N LEU A 131 8.43 13.81 7.62
CA LEU A 131 7.16 13.11 7.45
C LEU A 131 6.84 13.00 5.97
N ILE A 132 6.53 11.80 5.52
CA ILE A 132 6.00 11.55 4.19
C ILE A 132 4.60 10.99 4.36
N PHE A 133 3.60 11.65 3.78
CA PHE A 133 2.23 11.20 3.84
C PHE A 133 1.76 10.92 2.42
N CYS A 134 1.33 9.67 2.17
CA CYS A 134 0.91 9.22 0.85
C CYS A 134 -0.55 8.79 0.91
N THR A 135 -1.38 9.32 0.00
CA THR A 135 -2.77 8.87 -0.07
C THR A 135 -3.28 9.06 -1.49
N THR A 136 -4.23 8.21 -1.87
CA THR A 136 -4.98 8.35 -3.10
C THR A 136 -6.39 8.86 -2.85
N SER A 137 -6.70 9.26 -1.61
CA SER A 137 -8.07 9.60 -1.19
C SER A 137 -8.11 11.04 -0.72
N GLY A 138 -8.44 11.96 -1.62
CA GLY A 138 -8.64 13.34 -1.25
C GLY A 138 -7.39 14.20 -1.45
N VAL A 139 -7.62 15.50 -1.62
CA VAL A 139 -6.54 16.50 -1.68
C VAL A 139 -7.02 17.78 -1.01
N ASP A 140 -6.09 18.53 -0.43
CA ASP A 140 -6.44 19.74 0.30
C ASP A 140 -5.19 20.56 0.56
N MET A 141 -5.38 21.84 0.87
CA MET A 141 -4.27 22.71 1.28
C MET A 141 -4.69 23.49 2.52
N PRO A 142 -3.91 23.40 3.61
CA PRO A 142 -2.78 22.48 3.81
C PRO A 142 -3.24 21.03 3.65
N GLY A 143 -2.28 20.11 3.45
CA GLY A 143 -2.58 18.76 3.06
C GLY A 143 -2.67 17.79 4.23
N ALA A 144 -2.79 16.51 3.87
CA ALA A 144 -2.91 15.47 4.88
C ALA A 144 -1.66 15.38 5.74
N ASP A 145 -0.50 15.76 5.20
CA ASP A 145 0.72 15.78 5.99
C ASP A 145 0.62 16.78 7.12
N TRP A 146 0.14 17.98 6.81
CA TRP A 146 -0.03 19.01 7.83
C TRP A 146 -1.05 18.56 8.87
N ALA A 147 -2.18 18.02 8.42
CA ALA A 147 -3.22 17.55 9.34
C ALA A 147 -2.67 16.48 10.26
N LEU A 148 -1.92 15.51 9.72
CA LEU A 148 -1.37 14.48 10.59
C LEU A 148 -0.38 15.05 11.59
N ALA A 149 0.48 15.99 11.15
CA ALA A 149 1.43 16.60 12.07
C ALA A 149 0.71 17.29 13.22
N LYS A 150 -0.43 17.92 12.90
CA LYS A 150 -1.25 18.58 13.91
C LYS A 150 -1.86 17.56 14.87
N LEU A 151 -2.45 16.50 14.32
CA LEU A 151 -3.09 15.48 15.16
C LEU A 151 -2.10 14.83 16.11
N LEU A 152 -0.86 14.59 15.64
CA LEU A 152 0.16 13.95 16.46
C LEU A 152 0.89 14.92 17.37
N GLY A 153 0.85 16.21 17.08
CA GLY A 153 1.70 17.14 17.81
C GLY A 153 3.16 17.00 17.49
N LEU A 154 3.51 16.77 16.22
CA LEU A 154 4.92 16.73 15.83
C LEU A 154 5.55 18.12 15.96
N ARG A 155 6.88 18.16 15.89
CA ARG A 155 7.58 19.45 15.98
C ARG A 155 7.14 20.35 14.83
N SER A 156 6.99 21.65 15.12
CA SER A 156 6.54 22.57 14.06
C SER A 156 7.54 22.62 12.89
N SER A 157 8.78 22.22 13.11
CA SER A 157 9.79 22.24 12.06
C SER A 157 9.98 20.88 11.38
N VAL A 158 9.04 19.95 11.56
CA VAL A 158 9.14 18.68 10.84
C VAL A 158 9.12 18.96 9.34
N LYS A 159 10.00 18.29 8.59
CA LYS A 159 10.10 18.49 7.15
C LYS A 159 9.11 17.55 6.49
N ARG A 160 8.05 18.11 5.93
CA ARG A 160 6.90 17.35 5.45
C ARG A 160 6.91 17.20 3.95
N LEU A 161 6.24 16.15 3.48
CA LEU A 161 6.02 15.92 2.06
C LEU A 161 4.70 15.19 1.91
N VAL A 162 3.80 15.70 1.08
CA VAL A 162 2.54 15.01 0.83
C VAL A 162 2.53 14.50 -0.60
N LEU A 163 2.26 13.20 -0.74
CA LEU A 163 2.24 12.51 -2.02
C LEU A 163 0.80 12.15 -2.29
N TYR A 164 0.15 12.96 -3.12
CA TYR A 164 -1.26 12.85 -3.44
C TYR A 164 -1.44 12.13 -4.78
N MET A 165 -2.59 11.46 -4.92
CA MET A 165 -2.99 10.84 -6.19
C MET A 165 -1.90 9.90 -6.70
N GLN A 166 -1.31 9.13 -5.79
CA GLN A 166 -0.25 8.21 -6.18
C GLN A 166 -0.83 6.93 -6.78
N GLY A 167 -1.79 6.31 -6.12
CA GLY A 167 -2.27 5.01 -6.55
C GLY A 167 -1.46 3.87 -5.95
N CYS A 168 -1.60 2.70 -6.59
CA CYS A 168 -1.19 1.45 -5.96
C CYS A 168 0.32 1.22 -5.92
N TYR A 169 1.14 2.03 -6.59
CA TYR A 169 2.58 1.90 -6.46
C TYR A 169 3.14 2.73 -5.32
N GLY A 170 2.31 3.50 -4.60
CA GLY A 170 2.84 4.49 -3.69
C GLY A 170 3.62 3.93 -2.53
N GLY A 171 3.36 2.67 -2.14
CA GLY A 171 4.15 2.07 -1.07
C GLY A 171 5.60 1.90 -1.43
N GLY A 172 5.88 1.62 -2.71
CA GLY A 172 7.26 1.65 -3.16
C GLY A 172 7.81 3.06 -3.20
N THR A 173 7.01 4.02 -3.68
CA THR A 173 7.49 5.40 -3.82
C THR A 173 7.92 5.97 -2.49
N VAL A 174 7.13 5.74 -1.43
CA VAL A 174 7.48 6.36 -0.15
C VAL A 174 8.78 5.80 0.37
N LEU A 175 9.06 4.52 0.11
CA LEU A 175 10.34 3.96 0.57
C LEU A 175 11.50 4.50 -0.25
N ARG A 176 11.29 4.63 -1.56
CA ARG A 176 12.28 5.24 -2.44
C ARG A 176 12.69 6.61 -1.94
N ILE A 177 11.71 7.44 -1.54
CA ILE A 177 12.01 8.77 -1.06
C ILE A 177 12.59 8.71 0.36
N ALA A 178 11.94 7.97 1.25
CA ALA A 178 12.43 7.90 2.63
C ALA A 178 13.87 7.43 2.70
N LYS A 179 14.29 6.55 1.78
CA LYS A 179 15.66 6.09 1.76
C LYS A 179 16.62 7.26 1.70
N ASP A 180 16.38 8.20 0.78
CA ASP A 180 17.33 9.30 0.61
C ASP A 180 17.25 10.30 1.75
N LEU A 181 16.04 10.55 2.28
CA LEU A 181 15.90 11.42 3.44
C LEU A 181 16.68 10.89 4.63
N ALA A 182 16.54 9.59 4.92
CA ALA A 182 17.23 9.02 6.08
C ALA A 182 18.74 8.96 5.85
N GLU A 183 19.18 8.53 4.67
CA GLU A 183 20.60 8.30 4.49
C GLU A 183 21.38 9.60 4.36
N ASN A 184 20.76 10.66 3.82
CA ASN A 184 21.49 11.89 3.59
C ASN A 184 21.43 12.87 4.75
N ASN A 185 20.79 12.50 5.87
CA ASN A 185 20.62 13.42 7.00
C ASN A 185 20.92 12.68 8.30
N LYS A 186 22.08 12.98 8.91
CA LYS A 186 22.45 12.34 10.17
C LYS A 186 21.39 12.61 11.22
N GLY A 187 20.93 11.55 11.87
CA GLY A 187 19.94 11.66 12.92
C GLY A 187 18.51 11.74 12.43
N ALA A 188 18.29 11.81 11.11
CA ALA A 188 16.92 11.92 10.62
C ALA A 188 16.13 10.67 10.95
N ARG A 189 14.88 10.89 11.37
CA ARG A 189 13.94 9.81 11.64
C ARG A 189 12.67 10.18 10.90
N VAL A 190 12.33 9.40 9.87
CA VAL A 190 11.27 9.72 8.92
C VAL A 190 10.03 8.93 9.31
N LEU A 191 8.94 9.63 9.58
CA LEU A 191 7.63 9.01 9.72
C LEU A 191 7.01 8.91 8.33
N VAL A 192 6.69 7.69 7.92
CA VAL A 192 6.13 7.41 6.60
C VAL A 192 4.73 6.88 6.82
N VAL A 193 3.72 7.54 6.26
CA VAL A 193 2.33 7.13 6.44
C VAL A 193 1.66 6.99 5.08
N CYS A 194 1.02 5.84 4.86
CA CYS A 194 0.14 5.62 3.72
C CYS A 194 -1.26 5.38 4.28
N SER A 195 -2.24 6.15 3.83
CA SER A 195 -3.59 6.04 4.37
C SER A 195 -4.59 6.10 3.23
N GLU A 196 -5.49 5.13 3.15
CA GLU A 196 -6.37 4.99 2.01
C GLU A 196 -7.79 4.71 2.48
N ILE A 197 -8.76 5.47 1.97
CA ILE A 197 -10.16 5.31 2.34
C ILE A 197 -10.99 5.37 1.07
N THR A 198 -11.75 4.31 0.81
CA THR A 198 -12.43 4.13 -0.48
C THR A 198 -13.68 5.00 -0.61
N ALA A 199 -14.02 5.81 0.39
CA ALA A 199 -15.13 6.75 0.22
C ALA A 199 -14.92 7.66 -0.99
N ILE A 200 -13.66 7.85 -1.44
CA ILE A 200 -13.39 8.74 -2.55
C ILE A 200 -13.81 8.13 -3.89
N THR A 201 -13.93 6.80 -3.96
CA THR A 201 -14.29 6.13 -5.21
C THR A 201 -15.61 5.35 -5.14
N PHE A 202 -16.15 5.10 -3.95
CA PHE A 202 -17.36 4.30 -3.85
C PHE A 202 -18.47 4.89 -4.70
N ARG A 203 -19.08 4.07 -5.55
CA ARG A 203 -20.25 4.52 -6.29
C ARG A 203 -21.10 3.30 -6.63
N GLY A 204 -22.37 3.55 -6.92
CA GLY A 204 -23.27 2.50 -7.31
C GLY A 204 -22.82 1.78 -8.56
N PRO A 205 -23.39 0.61 -8.83
CA PRO A 205 -22.95 -0.18 -9.97
C PRO A 205 -23.60 0.24 -11.27
N SER A 206 -22.87 0.02 -12.36
CA SER A 206 -23.36 0.30 -13.70
C SER A 206 -22.69 -0.65 -14.68
N ASP A 207 -23.45 -1.14 -15.66
CA ASP A 207 -22.87 -1.96 -16.71
C ASP A 207 -22.15 -1.13 -17.78
N THR A 208 -22.23 0.20 -17.69
CA THR A 208 -21.35 1.05 -18.49
C THR A 208 -19.91 0.94 -18.01
N HIS A 209 -19.71 0.94 -16.70
CA HIS A 209 -18.38 1.00 -16.08
C HIS A 209 -18.14 -0.28 -15.28
N LEU A 210 -17.87 -1.39 -15.99
CA LEU A 210 -17.48 -2.60 -15.31
C LEU A 210 -16.13 -2.46 -14.62
N ASP A 211 -15.33 -1.46 -15.01
CA ASP A 211 -14.05 -1.22 -14.33
C ASP A 211 -14.28 -0.92 -12.86
N SER A 212 -15.23 -0.03 -12.55
CA SER A 212 -15.52 0.31 -11.17
C SER A 212 -16.00 -0.91 -10.37
N LEU A 213 -16.53 -1.94 -11.03
CA LEU A 213 -16.95 -3.14 -10.31
C LEU A 213 -15.74 -3.90 -9.76
N VAL A 214 -14.65 -3.96 -10.53
CA VAL A 214 -13.43 -4.58 -10.05
C VAL A 214 -13.01 -3.96 -8.72
N GLY A 215 -12.93 -2.63 -8.69
CA GLY A 215 -12.57 -1.95 -7.44
C GLY A 215 -13.54 -2.23 -6.32
N GLN A 216 -14.83 -2.38 -6.63
CA GLN A 216 -15.81 -2.69 -5.60
C GLN A 216 -15.61 -4.08 -5.01
N ALA A 217 -14.96 -4.98 -5.75
CA ALA A 217 -14.70 -6.32 -5.23
C ALA A 217 -13.43 -6.36 -4.41
N LEU A 218 -12.47 -5.47 -4.67
CA LEU A 218 -11.10 -5.64 -4.19
C LEU A 218 -10.64 -4.59 -3.19
N PHE A 219 -11.04 -3.32 -3.35
CA PHE A 219 -10.46 -2.22 -2.60
C PHE A 219 -10.98 -2.17 -1.16
N GLY A 220 -10.05 -2.14 -0.20
CA GLY A 220 -10.38 -1.97 1.20
C GLY A 220 -9.71 -0.73 1.78
N ASP A 221 -10.02 -0.45 3.03
CA ASP A 221 -9.50 0.75 3.70
C ASP A 221 -8.41 0.37 4.71
N GLY A 222 -7.46 1.28 4.90
CA GLY A 222 -6.42 1.01 5.87
C GLY A 222 -5.29 2.02 5.84
N ALA A 223 -4.50 2.07 6.90
CA ALA A 223 -3.34 2.95 6.96
C ALA A 223 -2.19 2.20 7.60
N SER A 224 -0.98 2.49 7.11
CA SER A 224 0.23 1.91 7.67
C SER A 224 1.25 3.01 7.87
N ALA A 225 2.09 2.83 8.89
CA ALA A 225 3.08 3.84 9.24
C ALA A 225 4.40 3.17 9.57
N LEU A 226 5.49 3.80 9.11
CA LEU A 226 6.84 3.35 9.42
C LEU A 226 7.59 4.46 10.12
N ILE A 227 8.57 4.07 10.91
CA ILE A 227 9.70 4.94 11.26
C ILE A 227 10.89 4.42 10.45
N VAL A 228 11.49 5.28 9.63
CA VAL A 228 12.66 4.92 8.82
C VAL A 228 13.83 5.79 9.24
N GLY A 229 14.98 5.16 9.47
CA GLY A 229 16.18 5.92 9.80
C GLY A 229 17.43 5.11 9.55
N SER A 230 18.53 5.81 9.31
CA SER A 230 19.83 5.17 9.24
C SER A 230 20.51 5.18 10.62
N ASP A 231 21.45 4.26 10.80
CA ASP A 231 22.28 4.18 12.00
C ASP A 231 21.42 4.04 13.25
N PRO A 232 20.65 2.96 13.37
CA PRO A 232 19.86 2.76 14.59
C PRO A 232 20.77 2.69 15.80
N VAL A 233 20.33 3.32 16.90
CA VAL A 233 21.14 3.36 18.12
C VAL A 233 21.21 1.95 18.72
N PRO A 234 22.41 1.41 18.90
CA PRO A 234 22.53 0.04 19.40
C PRO A 234 21.85 -0.14 20.75
N ALA A 235 21.13 -1.25 20.89
CA ALA A 235 20.39 -1.66 22.07
C ALA A 235 19.27 -0.71 22.41
N VAL A 236 18.97 0.28 21.55
CA VAL A 236 17.97 1.30 21.81
C VAL A 236 16.88 1.27 20.76
N GLU A 237 17.26 1.34 19.49
CA GLU A 237 16.36 1.20 18.36
C GLU A 237 16.56 -0.18 17.74
N ARG A 238 15.55 -0.65 17.01
CA ARG A 238 15.61 -1.97 16.42
C ARG A 238 15.29 -1.89 14.94
N ALA A 239 16.19 -2.36 14.10
CA ALA A 239 15.96 -2.44 12.66
C ALA A 239 15.23 -3.74 12.33
N TRP A 240 14.29 -3.66 11.40
CA TRP A 240 13.52 -4.81 10.94
C TRP A 240 13.78 -5.17 9.48
N PHE A 241 13.94 -4.16 8.62
CA PHE A 241 14.32 -4.31 7.22
C PHE A 241 15.22 -3.15 6.84
N GLU A 242 16.12 -3.40 5.89
CA GLU A 242 17.02 -2.38 5.36
C GLU A 242 16.69 -2.13 3.90
N LEU A 243 16.72 -0.86 3.51
CA LEU A 243 16.46 -0.48 2.12
C LEU A 243 17.80 -0.38 1.40
N HIS A 244 18.00 -1.21 0.36
CA HIS A 244 19.31 -1.25 -0.30
C HIS A 244 19.32 -0.79 -1.75
N TRP A 245 18.24 -0.99 -2.50
CA TRP A 245 18.26 -0.60 -3.89
C TRP A 245 16.84 -0.27 -4.31
N THR A 246 16.69 0.73 -5.17
CA THR A 246 15.36 1.15 -5.60
C THR A 246 15.38 1.37 -7.11
N GLY A 247 14.26 1.06 -7.73
CA GLY A 247 14.12 1.26 -9.16
C GLY A 247 12.67 1.57 -9.47
N SER A 248 12.45 2.30 -10.56
CA SER A 248 11.12 2.58 -11.03
C SER A 248 11.10 2.39 -12.54
N ASP A 249 10.01 1.82 -13.07
CA ASP A 249 9.89 1.56 -14.49
C ASP A 249 8.47 1.80 -14.98
N ILE A 250 8.34 2.45 -16.13
CA ILE A 250 7.09 2.49 -16.87
C ILE A 250 7.13 1.30 -17.82
N LEU A 251 6.18 0.38 -17.67
CA LEU A 251 6.24 -0.86 -18.44
C LEU A 251 5.86 -0.62 -19.89
N PRO A 252 6.45 -1.36 -20.82
CA PRO A 252 6.21 -1.10 -22.24
C PRO A 252 4.77 -1.39 -22.64
N ASN A 253 4.31 -0.66 -23.65
CA ASN A 253 2.98 -0.87 -24.22
C ASN A 253 1.90 -0.88 -23.14
N SER A 254 1.98 0.07 -22.21
CA SER A 254 1.04 0.12 -21.10
C SER A 254 0.30 1.44 -20.99
N ASP A 255 0.37 2.31 -22.00
CA ASP A 255 -0.37 3.55 -22.00
C ASP A 255 -1.86 3.31 -21.73
N GLY A 256 -2.38 3.98 -20.72
CA GLY A 256 -3.78 3.85 -20.36
C GLY A 256 -4.16 2.58 -19.65
N ALA A 257 -3.18 1.77 -19.23
CA ALA A 257 -3.51 0.52 -18.55
C ALA A 257 -4.32 0.78 -17.29
N ILE A 258 -3.93 1.79 -16.50
CA ILE A 258 -4.65 2.17 -15.29
C ILE A 258 -4.72 3.70 -15.28
N ASP A 259 -5.90 4.25 -15.49
CA ASP A 259 -6.13 5.69 -15.37
C ASP A 259 -7.05 5.95 -14.19
N GLY A 260 -6.81 7.05 -13.48
CA GLY A 260 -7.69 7.43 -12.41
C GLY A 260 -7.91 8.92 -12.43
N HIS A 261 -9.15 9.38 -12.50
CA HIS A 261 -9.45 10.80 -12.66
C HIS A 261 -10.26 11.28 -11.47
N LEU A 262 -9.88 12.44 -10.94
CA LEU A 262 -10.64 13.07 -9.86
C LEU A 262 -11.68 13.98 -10.50
N LYS A 263 -12.93 13.53 -10.50
CA LYS A 263 -13.99 14.20 -11.21
C LYS A 263 -15.02 14.76 -10.23
N GLU A 264 -16.01 15.48 -10.77
CA GLU A 264 -17.06 15.99 -9.91
C GLU A 264 -17.89 14.86 -9.29
N VAL A 265 -17.82 13.65 -9.86
CA VAL A 265 -18.50 12.49 -9.30
C VAL A 265 -17.56 11.70 -8.40
N GLY A 266 -16.38 12.24 -8.12
CA GLY A 266 -15.40 11.55 -7.29
C GLY A 266 -14.27 10.97 -8.11
N LEU A 267 -13.51 10.06 -7.48
CA LEU A 267 -12.41 9.41 -8.15
C LEU A 267 -12.92 8.22 -8.97
N THR A 268 -12.53 8.17 -10.25
CA THR A 268 -12.99 7.12 -11.16
C THR A 268 -11.79 6.44 -11.80
N PHE A 269 -11.81 5.11 -11.84
CA PHE A 269 -10.73 4.31 -12.38
C PHE A 269 -11.15 3.69 -13.71
N HIS A 270 -10.17 3.59 -14.62
CA HIS A 270 -10.39 2.99 -15.94
C HIS A 270 -9.22 2.07 -16.25
N LEU A 271 -9.54 0.86 -16.68
CA LEU A 271 -8.57 -0.17 -17.02
C LEU A 271 -8.70 -0.44 -18.52
N MET A 272 -7.69 -0.05 -19.28
CA MET A 272 -7.74 -0.12 -20.74
C MET A 272 -6.85 -1.21 -21.31
N LYS A 273 -6.15 -1.97 -20.47
CA LYS A 273 -5.26 -3.00 -20.98
C LYS A 273 -5.21 -4.15 -19.98
N ASP A 274 -4.66 -5.28 -20.44
CA ASP A 274 -4.52 -6.46 -19.60
C ASP A 274 -3.41 -6.25 -18.57
N VAL A 275 -3.78 -5.71 -17.40
CA VAL A 275 -2.76 -5.36 -16.40
C VAL A 275 -1.98 -6.58 -15.92
N PRO A 276 -2.62 -7.71 -15.58
CA PRO A 276 -1.82 -8.87 -15.17
C PRO A 276 -0.85 -9.35 -16.24
N ALA A 277 -1.25 -9.33 -17.52
CA ALA A 277 -0.34 -9.77 -18.58
C ALA A 277 0.84 -8.82 -18.73
N ILE A 278 0.59 -7.50 -18.65
CA ILE A 278 1.70 -6.55 -18.78
C ILE A 278 2.67 -6.70 -17.62
N ILE A 279 2.16 -6.83 -16.39
CA ILE A 279 3.07 -6.98 -15.26
C ILE A 279 3.84 -8.29 -15.36
N SER A 280 3.13 -9.41 -15.53
CA SER A 280 3.82 -10.70 -15.49
C SER A 280 4.80 -10.87 -16.65
N LYS A 281 4.49 -10.28 -17.80
CA LYS A 281 5.38 -10.43 -18.96
C LYS A 281 6.67 -9.64 -18.82
N ASN A 282 6.66 -8.55 -18.05
CA ASN A 282 7.82 -7.67 -17.95
C ASN A 282 8.58 -7.77 -16.63
N ILE A 283 8.01 -8.39 -15.59
CA ILE A 283 8.62 -8.29 -14.27
C ILE A 283 9.93 -9.06 -14.21
N GLY A 284 10.06 -10.15 -14.96
CA GLY A 284 11.28 -10.95 -14.87
C GLY A 284 12.52 -10.16 -15.25
N GLY A 285 12.45 -9.44 -16.37
CA GLY A 285 13.60 -8.64 -16.78
C GLY A 285 13.91 -7.54 -15.79
N ILE A 286 12.87 -6.95 -15.20
CA ILE A 286 13.08 -5.90 -14.20
C ILE A 286 13.80 -6.47 -12.98
N LEU A 287 13.36 -7.63 -12.50
CA LEU A 287 13.99 -8.18 -11.30
C LEU A 287 15.38 -8.71 -11.61
N LYS A 288 15.56 -9.36 -12.75
CA LYS A 288 16.90 -9.82 -13.12
C LYS A 288 17.89 -8.67 -13.19
N ASP A 289 17.47 -7.53 -13.75
CA ASP A 289 18.33 -6.35 -13.80
C ASP A 289 18.63 -5.81 -12.42
N ALA A 290 17.58 -5.67 -11.59
CA ALA A 290 17.76 -5.14 -10.24
C ALA A 290 18.72 -6.02 -9.46
N LEU A 291 18.53 -7.33 -9.51
CA LEU A 291 19.39 -8.23 -8.76
C LEU A 291 20.82 -8.24 -9.29
N ALA A 292 20.98 -8.03 -10.60
CA ALA A 292 22.33 -7.92 -11.17
C ALA A 292 23.03 -6.66 -10.68
N LYS A 293 22.28 -5.58 -10.45
CA LYS A 293 22.88 -4.35 -9.93
C LYS A 293 23.28 -4.52 -8.47
N VAL A 294 22.50 -5.28 -7.71
CA VAL A 294 22.76 -5.44 -6.28
C VAL A 294 23.86 -6.46 -6.05
N PHE A 295 23.97 -7.48 -6.92
CA PHE A 295 24.96 -8.54 -6.79
C PHE A 295 25.76 -8.62 -8.08
N PRO A 296 26.58 -7.60 -8.35
CA PRO A 296 27.29 -7.54 -9.63
C PRO A 296 28.40 -8.58 -9.68
N ALA A 297 28.58 -9.17 -10.86
CA ALA A 297 29.78 -9.96 -11.09
C ALA A 297 30.95 -9.04 -11.38
N ALA A 298 32.14 -9.47 -10.99
CA ALA A 298 33.35 -8.71 -11.28
C ALA A 298 34.54 -9.64 -11.44
N ALA A 311 32.69 -12.86 -6.62
CA ALA A 311 31.53 -12.15 -6.09
C ALA A 311 30.32 -13.06 -6.03
N PRO A 312 29.52 -12.93 -4.97
CA PRO A 312 28.37 -13.83 -4.77
C PRO A 312 27.29 -13.58 -5.81
N PRO A 313 26.66 -14.63 -6.31
CA PRO A 313 25.59 -14.47 -7.30
C PRO A 313 24.27 -14.15 -6.63
N PRO A 314 23.32 -13.57 -7.36
CA PRO A 314 22.02 -13.25 -6.77
C PRO A 314 21.39 -14.49 -6.19
N PRO A 315 20.69 -14.38 -5.06
CA PRO A 315 19.84 -15.49 -4.62
C PRO A 315 18.84 -15.82 -5.71
N THR A 316 18.39 -17.07 -5.72
CA THR A 316 17.28 -17.46 -6.57
C THR A 316 15.98 -16.84 -6.05
N TYR A 317 14.99 -16.75 -6.94
CA TYR A 317 13.71 -16.19 -6.52
C TYR A 317 13.15 -16.91 -5.29
N ASN A 318 13.28 -18.24 -5.24
CA ASN A 318 12.72 -18.97 -4.10
C ASN A 318 13.48 -18.74 -2.80
N ASP A 319 14.67 -18.15 -2.87
CA ASP A 319 15.45 -17.84 -1.68
C ASP A 319 15.39 -16.35 -1.32
N LEU A 320 14.50 -15.59 -1.96
CA LEU A 320 14.16 -14.22 -1.55
C LEU A 320 12.82 -14.24 -0.80
N PHE A 321 12.61 -13.21 0.05
CA PHE A 321 11.26 -12.98 0.55
C PHE A 321 10.56 -11.95 -0.32
N TRP A 322 9.23 -12.06 -0.40
CA TRP A 322 8.43 -11.33 -1.39
C TRP A 322 7.37 -10.49 -0.69
N ILE A 323 7.39 -9.18 -0.96
CA ILE A 323 6.37 -8.26 -0.47
C ILE A 323 5.79 -7.59 -1.70
N THR A 324 4.73 -8.19 -2.26
CA THR A 324 4.24 -7.84 -3.59
C THR A 324 2.87 -7.17 -3.47
N HIS A 325 2.71 -6.01 -4.08
CA HIS A 325 1.40 -5.37 -4.03
C HIS A 325 0.35 -6.27 -4.64
N PRO A 326 -0.70 -6.67 -3.89
CA PRO A 326 -1.74 -7.59 -4.44
C PRO A 326 -2.87 -6.83 -5.14
N GLY A 327 -2.55 -6.25 -6.30
CA GLY A 327 -3.55 -5.46 -7.00
C GLY A 327 -4.80 -6.25 -7.26
N GLY A 328 -4.65 -7.53 -7.56
CA GLY A 328 -5.74 -8.46 -7.66
C GLY A 328 -5.14 -9.85 -7.73
N PRO A 329 -5.98 -10.89 -7.58
CA PRO A 329 -5.43 -12.25 -7.60
C PRO A 329 -4.78 -12.63 -8.92
N ALA A 330 -5.27 -12.07 -10.04
CA ALA A 330 -4.71 -12.44 -11.34
C ALA A 330 -3.27 -11.95 -11.50
N ILE A 331 -2.97 -10.75 -11.00
CA ILE A 331 -1.58 -10.29 -10.99
C ILE A 331 -0.70 -11.27 -10.24
N LEU A 332 -1.09 -11.65 -9.02
CA LEU A 332 -0.29 -12.59 -8.24
C LEU A 332 -0.16 -13.93 -8.95
N ASP A 333 -1.27 -14.47 -9.47
CA ASP A 333 -1.20 -15.78 -10.11
C ASP A 333 -0.28 -15.75 -11.32
N GLN A 334 -0.38 -14.70 -12.13
CA GLN A 334 0.41 -14.67 -13.35
C GLN A 334 1.88 -14.37 -13.10
N VAL A 335 2.19 -13.54 -12.10
CA VAL A 335 3.59 -13.34 -11.70
C VAL A 335 4.18 -14.64 -11.16
N GLU A 336 3.45 -15.31 -10.26
CA GLU A 336 3.93 -16.57 -9.72
C GLU A 336 4.20 -17.59 -10.81
N ASP A 337 3.30 -17.66 -11.80
CA ASP A 337 3.44 -18.62 -12.88
C ASP A 337 4.63 -18.28 -13.77
N ARG A 338 4.74 -17.02 -14.17
CA ARG A 338 5.76 -16.61 -15.13
C ARG A 338 7.15 -16.72 -14.55
N LEU A 339 7.31 -16.40 -13.27
CA LEU A 339 8.61 -16.46 -12.63
C LEU A 339 8.94 -17.83 -12.07
N GLY A 340 7.99 -18.75 -12.06
CA GLY A 340 8.21 -20.06 -11.48
C GLY A 340 8.34 -20.05 -9.97
N LEU A 341 7.64 -19.16 -9.29
CA LEU A 341 7.75 -19.08 -7.84
C LEU A 341 7.11 -20.29 -7.17
N ARG A 342 7.80 -20.82 -6.16
CA ARG A 342 7.18 -21.83 -5.32
C ARG A 342 5.94 -21.26 -4.64
N LYS A 343 4.95 -22.13 -4.43
CA LYS A 343 3.62 -21.65 -4.04
C LYS A 343 3.61 -20.95 -2.69
N ASP A 344 4.62 -21.14 -1.85
CA ASP A 344 4.61 -20.46 -0.56
C ASP A 344 5.21 -19.04 -0.62
N LYS A 345 5.82 -18.64 -1.72
CA LYS A 345 6.54 -17.37 -1.72
C LYS A 345 5.61 -16.19 -1.52
N LEU A 346 4.42 -16.23 -2.11
CA LEU A 346 3.47 -15.15 -1.98
C LEU A 346 2.49 -15.35 -0.83
N ALA A 347 2.79 -16.21 0.14
CA ALA A 347 1.82 -16.50 1.18
C ALA A 347 1.52 -15.28 2.05
N SER A 348 2.56 -14.53 2.47
CA SER A 348 2.29 -13.35 3.28
C SER A 348 1.49 -12.32 2.50
N THR A 349 1.81 -12.14 1.22
CA THR A 349 1.05 -11.23 0.38
C THR A 349 -0.41 -11.65 0.29
N ARG A 350 -0.65 -12.93 0.05
CA ARG A 350 -2.02 -13.38 -0.12
C ARG A 350 -2.78 -13.33 1.19
N ALA A 351 -2.11 -13.47 2.32
CA ALA A 351 -2.80 -13.36 3.59
C ALA A 351 -3.37 -11.96 3.81
N VAL A 352 -2.60 -10.93 3.47
CA VAL A 352 -3.10 -9.57 3.62
C VAL A 352 -4.24 -9.30 2.65
N LEU A 353 -4.09 -9.72 1.39
CA LEU A 353 -5.20 -9.58 0.43
C LEU A 353 -6.47 -10.24 0.97
N ASP A 354 -6.33 -11.43 1.56
CA ASP A 354 -7.48 -12.18 2.06
C ASP A 354 -8.19 -11.45 3.20
N GLN A 355 -7.44 -10.84 4.11
CA GLN A 355 -8.01 -10.29 5.33
C GLN A 355 -8.32 -8.80 5.26
N PHE A 356 -7.76 -8.09 4.28
CA PHE A 356 -7.93 -6.64 4.18
C PHE A 356 -8.27 -6.14 2.79
N GLY A 357 -8.18 -6.99 1.77
CA GLY A 357 -8.33 -6.53 0.41
C GLY A 357 -7.12 -5.72 -0.06
N ASN A 358 -7.32 -5.05 -1.20
CA ASN A 358 -6.33 -4.16 -1.79
C ASN A 358 -6.50 -2.77 -1.16
N MET A 359 -5.57 -2.39 -0.28
CA MET A 359 -5.58 -1.10 0.38
C MET A 359 -4.65 -0.09 -0.31
N SER A 360 -4.55 -0.19 -1.64
CA SER A 360 -3.74 0.72 -2.47
C SER A 360 -2.35 0.86 -1.84
N SER A 361 -1.82 2.08 -1.67
CA SER A 361 -0.41 2.27 -1.31
C SER A 361 -0.07 1.66 0.06
N ALA A 362 -1.04 1.54 0.97
CA ALA A 362 -0.77 1.00 2.30
C ALA A 362 -0.48 -0.50 2.31
N THR A 363 -0.94 -1.23 1.28
CA THR A 363 -0.99 -2.69 1.37
C THR A 363 0.39 -3.32 1.59
N VAL A 364 1.42 -2.86 0.84
CA VAL A 364 2.72 -3.53 0.98
C VAL A 364 3.30 -3.33 2.38
N LEU A 365 2.96 -2.23 3.06
CA LEU A 365 3.44 -2.08 4.44
C LEU A 365 2.69 -3.01 5.40
N PHE A 366 1.40 -3.28 5.15
CA PHE A 366 0.72 -4.33 5.90
C PHE A 366 1.40 -5.68 5.70
N ILE A 367 1.81 -5.97 4.47
CA ILE A 367 2.47 -7.25 4.20
C ILE A 367 3.82 -7.32 4.89
N MET A 368 4.57 -6.22 4.86
CA MET A 368 5.82 -6.15 5.60
C MET A 368 5.59 -6.45 7.09
N ASP A 369 4.53 -5.89 7.66
CA ASP A 369 4.22 -6.14 9.07
C ASP A 369 3.82 -7.60 9.29
N GLU A 370 2.95 -8.13 8.43
CA GLU A 370 2.55 -9.53 8.53
C GLU A 370 3.76 -10.45 8.47
N MET A 371 4.69 -10.17 7.55
CA MET A 371 5.85 -11.04 7.37
C MET A 371 6.77 -11.01 8.60
N ARG A 372 7.07 -9.83 9.13
CA ARG A 372 7.96 -9.80 10.28
C ARG A 372 7.31 -10.45 11.50
N LYS A 373 5.99 -10.27 11.64
CA LYS A 373 5.28 -10.84 12.78
C LYS A 373 5.24 -12.36 12.69
N ARG A 374 4.93 -12.91 11.52
CA ARG A 374 5.00 -14.36 11.33
C ARG A 374 6.40 -14.87 11.62
N SER A 375 7.42 -14.14 11.17
CA SER A 375 8.78 -14.60 11.35
C SER A 375 9.15 -14.65 12.83
N VAL A 376 8.72 -13.65 13.61
CA VAL A 376 8.98 -13.68 15.05
C VAL A 376 8.22 -14.83 15.70
N GLU A 377 6.93 -14.94 15.36
CA GLU A 377 6.07 -15.92 16.03
C GLU A 377 6.54 -17.35 15.77
N GLN A 378 6.98 -17.62 14.55
CA GLN A 378 7.43 -18.95 14.17
C GLN A 378 8.92 -19.16 14.44
N GLN A 379 9.58 -18.17 15.05
CA GLN A 379 11.00 -18.28 15.44
C GLN A 379 11.89 -18.58 14.25
N LEU A 380 11.61 -17.93 13.12
CA LEU A 380 12.47 -18.03 11.96
C LEU A 380 13.72 -17.19 12.18
N GLY A 381 14.73 -17.43 11.35
CA GLY A 381 16.01 -16.82 11.64
C GLY A 381 16.17 -15.39 11.17
N THR A 382 15.22 -14.87 10.39
CA THR A 382 15.26 -13.47 9.96
C THR A 382 13.84 -12.94 9.90
N THR A 383 13.74 -11.60 9.82
CA THR A 383 12.46 -10.93 9.68
C THR A 383 11.83 -11.17 8.33
N GLY A 384 12.58 -11.72 7.37
CA GLY A 384 12.06 -12.02 6.05
C GLY A 384 11.84 -13.51 5.86
N GLU A 385 11.13 -14.13 6.81
CA GLU A 385 10.74 -15.55 6.71
C GLU A 385 11.94 -16.48 6.69
N GLY A 386 13.07 -16.06 7.24
CA GLY A 386 14.27 -16.85 7.21
C GLY A 386 15.21 -16.56 6.07
N HIS A 387 14.83 -15.71 5.12
CA HIS A 387 15.68 -15.35 4.00
C HIS A 387 16.40 -14.04 4.27
N GLU A 388 17.57 -13.87 3.64
CA GLU A 388 18.34 -12.64 3.86
C GLU A 388 17.84 -11.49 3.02
N TRP A 389 17.62 -11.74 1.73
CA TRP A 389 17.28 -10.67 0.78
C TRP A 389 15.84 -10.82 0.31
N GLY A 390 15.26 -9.69 -0.12
CA GLY A 390 13.87 -9.72 -0.50
C GLY A 390 13.52 -8.58 -1.44
N LEU A 391 12.27 -8.59 -1.89
CA LEU A 391 11.78 -7.68 -2.90
C LEU A 391 10.43 -7.11 -2.48
N LEU A 392 10.28 -5.80 -2.58
CA LEU A 392 8.99 -5.15 -2.39
C LEU A 392 8.63 -4.53 -3.73
N LEU A 393 7.42 -4.83 -4.21
CA LEU A 393 6.98 -4.40 -5.53
C LEU A 393 5.67 -3.67 -5.43
N GLY A 394 5.60 -2.48 -6.00
CA GLY A 394 4.35 -1.76 -6.13
C GLY A 394 4.02 -1.60 -7.60
N PHE A 395 2.73 -1.69 -7.94
CA PHE A 395 2.26 -1.53 -9.31
C PHE A 395 1.10 -0.55 -9.32
N GLY A 396 1.10 0.38 -10.28
CA GLY A 396 0.05 1.37 -10.35
C GLY A 396 0.03 2.13 -11.66
N PRO A 397 -0.72 3.23 -11.70
CA PRO A 397 -0.86 3.99 -12.95
C PRO A 397 0.48 4.30 -13.60
N GLY A 398 0.55 4.12 -14.91
CA GLY A 398 1.81 4.33 -15.63
C GLY A 398 1.90 3.61 -16.97
N LEU A 399 1.87 2.28 -16.98
CA LEU A 399 1.86 1.42 -15.78
C LEU A 399 3.21 1.46 -15.10
N THR A 400 3.23 1.89 -13.84
CA THR A 400 4.47 2.10 -13.07
C THR A 400 4.73 0.89 -12.18
N CYS A 401 5.96 0.38 -12.23
CA CYS A 401 6.43 -0.66 -11.33
C CYS A 401 7.53 -0.07 -10.45
N GLU A 402 7.31 -0.09 -9.13
CA GLU A 402 8.31 0.33 -8.14
C GLU A 402 8.94 -0.92 -7.55
N THR A 403 10.26 -1.00 -7.60
CA THR A 403 11.02 -2.13 -7.08
C THR A 403 11.93 -1.66 -5.96
N VAL A 404 11.86 -2.32 -4.80
CA VAL A 404 12.76 -2.04 -3.69
C VAL A 404 13.42 -3.35 -3.31
N VAL A 405 14.75 -3.39 -3.34
CA VAL A 405 15.46 -4.56 -2.82
C VAL A 405 15.75 -4.31 -1.34
N LEU A 406 15.31 -5.26 -0.50
CA LEU A 406 15.36 -5.15 0.94
C LEU A 406 16.30 -6.21 1.50
N ARG A 407 16.92 -5.91 2.64
CA ARG A 407 17.58 -6.95 3.43
C ARG A 407 16.79 -7.12 4.73
N SER A 408 16.60 -8.37 5.13
CA SER A 408 16.00 -8.64 6.42
C SER A 408 17.03 -8.43 7.52
N VAL A 409 16.61 -8.63 8.75
CA VAL A 409 17.50 -8.54 9.90
C VAL A 409 17.45 -9.87 10.64
N PRO A 410 18.59 -10.41 11.08
CA PRO A 410 18.55 -11.68 11.82
C PRO A 410 17.79 -11.56 13.13
N LEU A 411 17.08 -12.63 13.47
CA LEU A 411 16.30 -12.71 14.70
C LEU A 411 17.05 -13.52 15.74
N VAL A 412 17.04 -13.03 16.98
CA VAL A 412 17.81 -13.53 18.11
C VAL A 412 19.02 -14.35 17.67
CAA TMO B . -8.30 5.09 -1.84
NAC TMO B . -8.39 4.26 -3.04
CAD TMO B . -9.71 3.65 -3.09
CAB TMO B . -7.41 3.21 -2.93
OAE TMO B . -8.15 4.98 -4.21
HAA TMO B . -8.47 4.55 -1.05
HAAA TMO B . -8.96 5.81 -1.90
HAAB TMO B . -7.41 5.47 -1.79
HAD TMO B . -9.87 3.16 -2.28
HADA TMO B . -9.75 3.05 -3.85
HADB TMO B . -10.38 4.35 -3.19
HAB TMO B . -7.48 2.62 -3.69
HABA TMO B . -6.52 3.60 -2.89
HABB TMO B . -7.57 2.70 -2.11
#